data_3HCC
#
_entry.id   3HCC
#
_cell.length_a   94.720
_cell.length_b   94.720
_cell.length_c   186.210
_cell.angle_alpha   90.000
_cell.angle_beta   90.000
_cell.angle_gamma   90.000
#
_symmetry.space_group_name_H-M   'P 43 21 2'
#
loop_
_entity.id
_entity.type
_entity.pdbx_description
1 polymer 'Phenylethanolamine N-methyltransferase'
2 non-polymer (1S,4R,9S)-5-(trifluoromethyl)-1,2,3,4-tetrahydro-1,4-methanonaphthalen-9-amine
3 non-polymer S-ADENOSYL-L-HOMOCYSTEINE
4 water water
#
_entity_poly.entity_id   1
_entity_poly.type   'polypeptide(L)'
_entity_poly.pdbx_seq_one_letter_code
;MSGADRSPNAGAAPDSAPGQAAVASAYQRFEPRAYLRNNYAPPRGDLCNPNGVGPWKLRCLAQTFATGEVSGRTLIDIGS
GPTVYQLLSACSHFEDITMTDFLEVNRQELGRWLQEEPGAFNWSMYSQHACLIEGKGECWQDKERQLRARVKRVLPIDVH
QPQPLGAGSPAPLPADALVSAFCLEAVSPDLASFQRALDHITTLLRPGGHLLLIGALEESWYLAGEARLTVVPVSEEEVR
EALVRSGYKVRDLRTYIMPAHLQTGVDDVKGVFFAWAQKVGLEHHHHHH
;
_entity_poly.pdbx_strand_id   A,B
#
loop_
_chem_comp.id
_chem_comp.type
_chem_comp.name
_chem_comp.formula
LT3 non-polymer (1S,4R,9S)-5-(trifluoromethyl)-1,2,3,4-tetrahydro-1,4-methanonaphthalen-9-amine 'C12 H12 F3 N'
SAH non-polymer S-ADENOSYL-L-HOMOCYSTEINE 'C14 H20 N6 O5 S'
#
# COMPACT_ATOMS: atom_id res chain seq x y z
N VAL A 23 -13.19 -37.27 -9.42
CA VAL A 23 -12.66 -35.99 -8.97
C VAL A 23 -13.72 -35.23 -8.18
N ALA A 24 -14.93 -35.13 -8.73
CA ALA A 24 -16.02 -34.43 -8.08
C ALA A 24 -16.24 -34.91 -6.66
N SER A 25 -15.94 -36.19 -6.42
CA SER A 25 -16.07 -36.79 -5.09
C SER A 25 -14.93 -36.36 -4.18
N ALA A 26 -13.74 -36.19 -4.75
CA ALA A 26 -12.58 -35.74 -3.98
C ALA A 26 -12.79 -34.32 -3.49
N TYR A 27 -13.30 -33.48 -4.36
CA TYR A 27 -13.52 -32.07 -4.04
C TYR A 27 -14.57 -31.87 -2.95
N GLN A 28 -15.17 -32.97 -2.50
CA GLN A 28 -16.19 -32.90 -1.45
C GLN A 28 -15.59 -32.84 -0.05
N ARG A 29 -14.28 -33.01 0.06
CA ARG A 29 -13.59 -32.89 1.35
C ARG A 29 -12.70 -31.65 1.33
N PHE A 30 -12.75 -30.93 0.23
CA PHE A 30 -11.99 -29.69 0.03
C PHE A 30 -12.32 -28.66 1.10
N GLU A 31 -11.29 -28.24 1.84
CA GLU A 31 -11.45 -27.24 2.90
C GLU A 31 -10.94 -25.88 2.45
N PRO A 32 -11.85 -24.94 2.15
CA PRO A 32 -11.47 -23.60 1.68
C PRO A 32 -10.39 -22.94 2.53
N ARG A 33 -10.53 -22.97 3.85
CA ARG A 33 -9.58 -22.27 4.71
C ARG A 33 -8.21 -22.92 4.71
N ALA A 34 -8.17 -24.24 4.56
CA ALA A 34 -6.89 -24.94 4.46
C ALA A 34 -6.21 -24.63 3.13
N TYR A 35 -7.03 -24.49 2.08
CA TYR A 35 -6.53 -24.11 0.77
C TYR A 35 -5.97 -22.68 0.78
N LEU A 36 -6.74 -21.75 1.31
CA LEU A 36 -6.29 -20.37 1.43
C LEU A 36 -5.00 -20.30 2.24
N ARG A 37 -4.92 -21.13 3.27
CA ARG A 37 -3.77 -21.15 4.16
C ARG A 37 -2.51 -21.67 3.47
N ASN A 38 -2.69 -22.73 2.68
CA ASN A 38 -1.58 -23.38 1.99
C ASN A 38 -0.97 -22.56 0.88
N ASN A 39 -1.79 -21.69 0.27
CA ASN A 39 -1.41 -21.06 -0.99
C ASN A 39 -1.41 -19.53 -0.97
N TYR A 40 -2.09 -18.96 0.01
CA TYR A 40 -2.29 -17.52 0.01
C TYR A 40 -1.90 -16.85 1.32
N ALA A 41 -1.22 -17.63 2.16
CA ALA A 41 -0.58 -17.11 3.36
C ALA A 41 0.91 -17.44 3.26
N PRO A 42 1.75 -16.75 4.06
CA PRO A 42 3.20 -16.97 3.96
C PRO A 42 3.54 -18.46 3.98
N PRO A 43 4.59 -18.88 3.25
CA PRO A 43 5.51 -18.07 2.44
C PRO A 43 4.97 -17.67 1.06
N ARG A 44 4.02 -18.44 0.52
CA ARG A 44 3.51 -18.15 -0.82
C ARG A 44 2.66 -16.88 -0.81
N GLY A 45 2.09 -16.59 0.35
CA GLY A 45 1.27 -15.40 0.52
C GLY A 45 2.09 -14.20 0.97
N ASP A 46 3.40 -14.37 1.08
CA ASP A 46 4.28 -13.24 1.37
C ASP A 46 4.64 -12.54 0.07
N LEU A 47 4.05 -11.37 -0.13
CA LEU A 47 4.18 -10.67 -1.40
C LEU A 47 5.37 -9.71 -1.41
N CYS A 48 6.12 -9.67 -0.33
CA CYS A 48 7.24 -8.74 -0.20
C CYS A 48 8.38 -9.03 -1.18
N ASN A 49 8.64 -10.31 -1.43
CA ASN A 49 9.68 -10.66 -2.40
C ASN A 49 9.17 -10.73 -3.82
N PRO A 50 9.73 -9.89 -4.71
CA PRO A 50 9.32 -9.80 -6.12
C PRO A 50 9.43 -11.15 -6.82
N ASN A 51 10.30 -12.02 -6.32
CA ASN A 51 10.57 -13.31 -6.97
C ASN A 51 9.61 -14.43 -6.57
N GLY A 52 8.54 -14.08 -5.86
CA GLY A 52 7.56 -15.07 -5.45
C GLY A 52 6.47 -15.26 -6.48
N VAL A 53 5.68 -16.31 -6.29
CA VAL A 53 4.65 -16.68 -7.26
C VAL A 53 3.45 -15.74 -7.21
N GLY A 54 3.23 -15.11 -6.06
CA GLY A 54 2.14 -14.17 -5.90
C GLY A 54 2.36 -12.91 -6.71
N PRO A 55 3.50 -12.24 -6.49
CA PRO A 55 3.80 -11.05 -7.29
C PRO A 55 3.79 -11.36 -8.79
N TRP A 56 4.32 -12.52 -9.17
CA TRP A 56 4.37 -12.92 -10.58
C TRP A 56 2.98 -13.01 -11.20
N LYS A 57 2.05 -13.67 -10.51
CA LYS A 57 0.69 -13.78 -11.03
C LYS A 57 0.04 -12.41 -11.19
N LEU A 58 0.13 -11.58 -10.15
CA LEU A 58 -0.47 -10.25 -10.18
C LEU A 58 0.16 -9.41 -11.31
N ARG A 59 1.45 -9.58 -11.50
CA ARG A 59 2.17 -8.86 -12.55
C ARG A 59 1.64 -9.24 -13.92
N CYS A 60 1.52 -10.54 -14.18
CA CYS A 60 0.98 -11.01 -15.46
C CYS A 60 -0.38 -10.39 -15.75
N LEU A 61 -1.29 -10.52 -14.79
CA LEU A 61 -2.64 -9.98 -14.92
C LEU A 61 -2.65 -8.47 -15.10
N ALA A 62 -1.86 -7.76 -14.31
CA ALA A 62 -1.81 -6.31 -14.38
C ALA A 62 -1.29 -5.82 -15.72
N GLN A 63 -0.23 -6.45 -16.21
CA GLN A 63 0.39 -6.03 -17.46
C GLN A 63 -0.54 -6.26 -18.64
N THR A 64 -1.22 -7.39 -18.63
CA THR A 64 -2.10 -7.76 -19.71
C THR A 64 -3.24 -6.74 -19.85
N PHE A 65 -3.93 -6.46 -18.75
CA PHE A 65 -5.00 -5.49 -18.76
C PHE A 65 -4.47 -4.08 -19.06
N ALA A 66 -3.19 -3.87 -18.76
CA ALA A 66 -2.55 -2.57 -18.98
C ALA A 66 -2.29 -2.28 -20.45
N THR A 67 -2.60 -3.24 -21.32
CA THR A 67 -2.45 -3.03 -22.75
C THR A 67 -3.65 -2.28 -23.29
N GLY A 68 -4.74 -2.33 -22.54
CA GLY A 68 -5.99 -1.73 -22.96
C GLY A 68 -6.67 -2.51 -24.07
N GLU A 69 -6.14 -3.70 -24.37
CA GLU A 69 -6.67 -4.53 -25.46
C GLU A 69 -7.65 -5.58 -24.94
N VAL A 70 -7.79 -5.65 -23.63
CA VAL A 70 -8.75 -6.56 -23.02
C VAL A 70 -9.81 -5.73 -22.29
N SER A 71 -10.96 -5.56 -22.93
CA SER A 71 -12.02 -4.69 -22.43
C SER A 71 -13.39 -5.22 -22.77
N GLY A 72 -14.42 -4.55 -22.27
CA GLY A 72 -15.79 -4.94 -22.52
C GLY A 72 -16.72 -4.58 -21.38
N ARG A 73 -17.85 -5.27 -21.29
CA ARG A 73 -18.84 -5.01 -20.25
C ARG A 73 -18.97 -6.20 -19.28
N THR A 74 -19.03 -7.41 -19.83
CA THR A 74 -19.18 -8.61 -19.01
C THR A 74 -17.87 -9.42 -18.90
N LEU A 75 -17.67 -10.04 -17.75
CA LEU A 75 -16.51 -10.90 -17.53
C LEU A 75 -16.90 -12.06 -16.62
N ILE A 76 -16.36 -13.24 -16.90
CA ILE A 76 -16.64 -14.41 -16.06
C ILE A 76 -15.37 -15.09 -15.56
N ASP A 77 -15.31 -15.32 -14.26
CA ASP A 77 -14.18 -15.98 -13.63
C ASP A 77 -14.55 -17.43 -13.32
N ILE A 78 -13.84 -18.37 -13.96
CA ILE A 78 -14.18 -19.79 -13.92
C ILE A 78 -13.42 -20.54 -12.83
N GLY A 79 -14.17 -21.14 -11.91
CA GLY A 79 -13.55 -21.90 -10.83
C GLY A 79 -12.83 -20.98 -9.87
N SER A 80 -13.55 -19.95 -9.42
CA SER A 80 -12.99 -18.94 -8.53
C SER A 80 -12.41 -19.53 -7.26
N GLY A 81 -13.04 -20.59 -6.77
CA GLY A 81 -12.69 -21.13 -5.48
C GLY A 81 -13.02 -20.08 -4.43
N PRO A 82 -12.23 -20.02 -3.35
CA PRO A 82 -12.41 -19.01 -2.31
C PRO A 82 -11.52 -17.77 -2.49
N THR A 83 -10.97 -17.58 -3.68
CA THR A 83 -10.02 -16.47 -3.91
C THR A 83 -10.58 -15.38 -4.81
N VAL A 84 -10.04 -14.17 -4.66
CA VAL A 84 -10.50 -13.02 -5.44
C VAL A 84 -9.34 -12.31 -6.13
N TYR A 85 -8.11 -12.66 -5.76
CA TYR A 85 -6.92 -12.00 -6.28
C TYR A 85 -6.89 -11.98 -7.80
N GLN A 86 -7.46 -13.01 -8.43
CA GLN A 86 -7.40 -13.14 -9.88
C GLN A 86 -8.20 -12.05 -10.62
N LEU A 87 -8.88 -11.18 -9.88
CA LEU A 87 -9.73 -10.16 -10.50
C LEU A 87 -9.39 -8.72 -10.12
N LEU A 88 -8.40 -8.55 -9.25
CA LEU A 88 -8.02 -7.21 -8.77
C LEU A 88 -7.68 -6.27 -9.92
N SER A 89 -6.84 -6.72 -10.86
CA SER A 89 -6.51 -5.89 -12.02
C SER A 89 -7.66 -5.88 -13.03
N ALA A 90 -8.37 -6.99 -13.12
CA ALA A 90 -9.45 -7.11 -14.09
C ALA A 90 -10.58 -6.13 -13.82
N CYS A 91 -10.95 -5.98 -12.55
CA CYS A 91 -12.22 -5.35 -12.19
C CYS A 91 -12.42 -3.94 -12.74
N SER A 92 -11.35 -3.22 -13.00
CA SER A 92 -11.47 -1.84 -13.48
C SER A 92 -11.80 -1.76 -14.97
N HIS A 93 -11.88 -2.91 -15.63
CA HIS A 93 -12.12 -2.95 -17.07
C HIS A 93 -13.45 -3.59 -17.45
N PHE A 94 -14.17 -4.08 -16.44
CA PHE A 94 -15.43 -4.78 -16.68
C PHE A 94 -16.44 -4.47 -15.57
N GLU A 95 -17.57 -3.88 -15.95
CA GLU A 95 -18.56 -3.42 -15.00
C GLU A 95 -19.42 -4.56 -14.46
N ASP A 96 -19.52 -5.64 -15.22
CA ASP A 96 -20.32 -6.80 -14.81
C ASP A 96 -19.43 -8.03 -14.66
N ILE A 97 -19.19 -8.43 -13.41
CA ILE A 97 -18.33 -9.58 -13.14
C ILE A 97 -19.08 -10.73 -12.48
N THR A 98 -18.92 -11.92 -13.04
CA THR A 98 -19.51 -13.13 -12.48
C THR A 98 -18.42 -14.05 -11.95
N MET A 99 -18.52 -14.39 -10.67
CA MET A 99 -17.63 -15.39 -10.09
C MET A 99 -18.36 -16.73 -10.02
N THR A 100 -17.59 -17.81 -10.08
CA THR A 100 -18.19 -19.14 -10.11
C THR A 100 -17.37 -20.15 -9.33
N ASP A 101 -18.01 -21.27 -8.99
CA ASP A 101 -17.29 -22.42 -8.46
C ASP A 101 -18.21 -23.61 -8.21
N PHE A 102 -17.62 -24.79 -8.23
CA PHE A 102 -18.33 -26.05 -8.11
C PHE A 102 -18.86 -26.29 -6.69
N LEU A 103 -18.16 -25.75 -5.70
CA LEU A 103 -18.47 -26.03 -4.30
C LEU A 103 -19.24 -24.90 -3.62
N GLU A 104 -20.30 -25.28 -2.90
CA GLU A 104 -21.07 -24.31 -2.13
C GLU A 104 -20.19 -23.63 -1.09
N VAL A 105 -19.31 -24.39 -0.45
CA VAL A 105 -18.43 -23.85 0.58
C VAL A 105 -17.53 -22.74 0.04
N ASN A 106 -17.13 -22.85 -1.21
CA ASN A 106 -16.32 -21.81 -1.85
C ASN A 106 -17.15 -20.56 -2.15
N ARG A 107 -18.35 -20.76 -2.67
CA ARG A 107 -19.24 -19.64 -2.98
C ARG A 107 -19.62 -18.90 -1.68
N GLN A 108 -19.71 -19.65 -0.59
CA GLN A 108 -19.97 -19.07 0.72
C GLN A 108 -18.80 -18.19 1.15
N GLU A 109 -17.59 -18.72 0.98
CA GLU A 109 -16.38 -18.01 1.37
C GLU A 109 -16.25 -16.73 0.56
N LEU A 110 -16.56 -16.81 -0.73
CA LEU A 110 -16.56 -15.63 -1.59
C LEU A 110 -17.58 -14.62 -1.06
N GLY A 111 -18.73 -15.13 -0.60
CA GLY A 111 -19.79 -14.29 -0.10
C GLY A 111 -19.39 -13.48 1.12
N ARG A 112 -18.65 -14.12 2.02
CA ARG A 112 -18.18 -13.44 3.23
C ARG A 112 -17.26 -12.27 2.93
N TRP A 113 -16.54 -12.33 1.81
CA TRP A 113 -15.62 -11.25 1.48
C TRP A 113 -16.32 -10.14 0.69
N LEU A 114 -17.20 -10.53 -0.22
CA LEU A 114 -17.95 -9.54 -1.00
C LEU A 114 -18.80 -8.66 -0.09
N GLN A 115 -19.35 -9.26 0.97
CA GLN A 115 -20.23 -8.54 1.89
C GLN A 115 -19.49 -8.02 3.13
N GLU A 116 -18.18 -8.22 3.18
CA GLU A 116 -17.37 -7.77 4.31
C GLU A 116 -17.84 -8.39 5.62
N GLU A 117 -18.43 -9.58 5.52
CA GLU A 117 -18.97 -10.30 6.67
C GLU A 117 -17.87 -10.76 7.62
N PRO A 118 -18.25 -11.31 8.78
CA PRO A 118 -17.28 -11.79 9.79
C PRO A 118 -16.45 -12.98 9.33
N GLY A 119 -15.15 -12.92 9.58
CA GLY A 119 -14.26 -14.03 9.33
C GLY A 119 -13.88 -14.21 7.87
N ALA A 120 -14.21 -13.23 7.04
CA ALA A 120 -13.82 -13.29 5.64
C ALA A 120 -12.29 -13.36 5.58
N PHE A 121 -11.77 -13.96 4.52
CA PHE A 121 -10.33 -14.01 4.31
C PHE A 121 -9.84 -12.60 4.02
N ASN A 122 -8.63 -12.29 4.48
CA ASN A 122 -8.06 -10.97 4.27
C ASN A 122 -7.18 -10.90 3.02
N TRP A 123 -7.68 -10.22 2.00
CA TRP A 123 -6.96 -10.08 0.74
C TRP A 123 -6.18 -8.77 0.63
N SER A 124 -6.13 -8.02 1.72
CA SER A 124 -5.54 -6.68 1.69
C SER A 124 -4.12 -6.61 1.11
N MET A 125 -3.27 -7.59 1.43
CA MET A 125 -1.92 -7.59 0.86
C MET A 125 -1.96 -7.66 -0.65
N TYR A 126 -2.83 -8.52 -1.18
CA TYR A 126 -2.96 -8.69 -2.62
C TYR A 126 -3.54 -7.42 -3.27
N SER A 127 -4.54 -6.83 -2.63
CA SER A 127 -5.11 -5.59 -3.11
C SER A 127 -4.04 -4.49 -3.13
N GLN A 128 -3.28 -4.40 -2.04
CA GLN A 128 -2.20 -3.44 -1.93
C GLN A 128 -1.17 -3.64 -3.03
N HIS A 129 -0.81 -4.88 -3.30
CA HIS A 129 0.19 -5.15 -4.33
C HIS A 129 -0.30 -4.88 -5.73
N ALA A 130 -1.55 -5.24 -6.00
CA ALA A 130 -2.17 -4.91 -7.27
C ALA A 130 -2.06 -3.42 -7.56
N CYS A 131 -2.42 -2.59 -6.58
CA CYS A 131 -2.36 -1.14 -6.73
C CYS A 131 -0.92 -0.69 -6.94
N LEU A 132 -0.04 -1.29 -6.15
CA LEU A 132 1.38 -1.06 -6.25
C LEU A 132 1.84 -1.30 -7.69
N ILE A 133 1.55 -2.50 -8.19
CA ILE A 133 1.99 -2.95 -9.51
C ILE A 133 1.31 -2.18 -10.65
N GLU A 134 0.04 -1.85 -10.49
CA GLU A 134 -0.66 -1.07 -11.50
C GLU A 134 -0.14 0.36 -11.60
N GLY A 135 0.42 0.85 -10.50
CA GLY A 135 1.08 2.16 -10.51
C GLY A 135 0.20 3.32 -10.92
N LYS A 136 -1.04 3.34 -10.44
CA LYS A 136 -1.95 4.44 -10.72
C LYS A 136 -2.27 5.23 -9.46
N GLY A 137 -1.45 5.05 -8.43
CA GLY A 137 -1.62 5.77 -7.17
C GLY A 137 -2.91 5.46 -6.45
N GLU A 138 -3.60 4.40 -6.88
CA GLU A 138 -4.87 4.03 -6.28
C GLU A 138 -4.66 3.41 -4.89
N CYS A 139 -5.54 3.75 -3.94
CA CYS A 139 -5.46 3.14 -2.62
C CYS A 139 -6.20 1.81 -2.69
N TRP A 140 -5.82 0.88 -1.81
CA TRP A 140 -6.32 -0.48 -1.90
C TRP A 140 -7.78 -0.62 -1.46
N GLN A 141 -8.27 0.35 -0.69
CA GLN A 141 -9.68 0.34 -0.28
C GLN A 141 -10.59 0.65 -1.46
N ASP A 142 -10.13 1.53 -2.35
CA ASP A 142 -10.88 1.87 -3.55
C ASP A 142 -10.88 0.69 -4.51
N LYS A 143 -9.77 -0.03 -4.53
CA LYS A 143 -9.63 -1.21 -5.36
C LYS A 143 -10.60 -2.29 -4.91
N GLU A 144 -10.58 -2.60 -3.62
CA GLU A 144 -11.47 -3.62 -3.07
C GLU A 144 -12.93 -3.21 -3.22
N ARG A 145 -13.17 -1.90 -3.17
CA ARG A 145 -14.51 -1.35 -3.28
C ARG A 145 -15.05 -1.52 -4.69
N GLN A 146 -14.17 -1.34 -5.67
CA GLN A 146 -14.55 -1.49 -7.06
C GLN A 146 -14.86 -2.94 -7.40
N LEU A 147 -14.05 -3.86 -6.86
CA LEU A 147 -14.27 -5.28 -7.10
C LEU A 147 -15.60 -5.74 -6.48
N ARG A 148 -15.81 -5.42 -5.20
CA ARG A 148 -17.05 -5.78 -4.52
C ARG A 148 -18.28 -5.24 -5.28
N ALA A 149 -18.17 -4.02 -5.78
CA ALA A 149 -19.29 -3.41 -6.48
C ALA A 149 -19.54 -4.05 -7.85
N ARG A 150 -18.46 -4.36 -8.57
CA ARG A 150 -18.61 -4.87 -9.93
C ARG A 150 -18.93 -6.37 -10.00
N VAL A 151 -18.69 -7.09 -8.91
CA VAL A 151 -19.11 -8.49 -8.85
C VAL A 151 -20.61 -8.55 -8.60
N LYS A 152 -21.35 -8.98 -9.60
CA LYS A 152 -22.81 -8.96 -9.54
C LYS A 152 -23.39 -10.27 -9.01
N ARG A 153 -22.65 -11.36 -9.15
CA ARG A 153 -23.17 -12.67 -8.75
C ARG A 153 -22.09 -13.73 -8.56
N VAL A 154 -22.43 -14.76 -7.78
CA VAL A 154 -21.56 -15.91 -7.56
C VAL A 154 -22.36 -17.16 -7.92
N LEU A 155 -22.03 -17.77 -9.06
CA LEU A 155 -22.82 -18.88 -9.58
C LEU A 155 -22.13 -20.24 -9.46
N PRO A 156 -22.92 -21.30 -9.25
CA PRO A 156 -22.37 -22.65 -9.31
C PRO A 156 -21.97 -22.98 -10.74
N ILE A 157 -20.93 -23.77 -10.92
CA ILE A 157 -20.44 -24.10 -12.25
C ILE A 157 -19.84 -25.49 -12.25
N ASP A 158 -19.90 -26.14 -13.41
CA ASP A 158 -19.26 -27.42 -13.62
C ASP A 158 -18.66 -27.42 -15.02
N VAL A 159 -17.34 -27.33 -15.09
CA VAL A 159 -16.66 -27.22 -16.37
C VAL A 159 -16.81 -28.48 -17.22
N HIS A 160 -17.22 -29.57 -16.59
CA HIS A 160 -17.37 -30.84 -17.30
C HIS A 160 -18.64 -30.91 -18.14
N GLN A 161 -19.60 -30.03 -17.84
CA GLN A 161 -20.82 -29.92 -18.63
C GLN A 161 -20.59 -29.07 -19.88
N PRO A 162 -21.18 -29.47 -21.02
CA PRO A 162 -21.09 -28.74 -22.29
C PRO A 162 -21.60 -27.31 -22.14
N GLN A 163 -22.52 -27.11 -21.21
CA GLN A 163 -22.90 -25.78 -20.76
C GLN A 163 -22.52 -25.68 -19.29
N PRO A 164 -21.28 -25.25 -19.02
CA PRO A 164 -20.71 -25.22 -17.67
C PRO A 164 -21.59 -24.47 -16.67
N LEU A 165 -22.33 -23.47 -17.15
CA LEU A 165 -23.20 -22.69 -16.28
C LEU A 165 -24.57 -23.33 -16.14
N GLY A 166 -25.13 -23.76 -17.27
CA GLY A 166 -26.43 -24.41 -17.28
C GLY A 166 -27.37 -23.80 -18.30
N ALA A 167 -28.65 -24.11 -18.16
CA ALA A 167 -29.67 -23.62 -19.08
C ALA A 167 -29.76 -22.09 -19.07
N GLY A 168 -30.43 -21.55 -18.07
CA GLY A 168 -30.62 -20.11 -17.96
C GLY A 168 -29.92 -19.53 -16.75
N SER A 169 -28.64 -19.19 -16.91
CA SER A 169 -27.87 -18.59 -15.84
C SER A 169 -28.02 -17.08 -15.87
N PRO A 170 -28.13 -16.47 -14.68
CA PRO A 170 -28.22 -15.00 -14.58
C PRO A 170 -26.99 -14.31 -15.16
N ALA A 171 -26.01 -15.10 -15.59
CA ALA A 171 -24.79 -14.55 -16.18
C ALA A 171 -25.02 -14.10 -17.61
N PRO A 172 -24.70 -12.83 -17.90
CA PRO A 172 -24.81 -12.31 -19.26
C PRO A 172 -23.92 -13.12 -20.19
N LEU A 173 -24.48 -13.68 -21.26
CA LEU A 173 -23.70 -14.45 -22.20
C LEU A 173 -23.92 -13.94 -23.63
N PRO A 174 -22.89 -14.07 -24.48
CA PRO A 174 -21.57 -14.58 -24.12
C PRO A 174 -20.70 -13.49 -23.47
N ALA A 175 -19.87 -13.87 -22.51
CA ALA A 175 -19.03 -12.93 -21.80
C ALA A 175 -17.97 -12.31 -22.72
N ASP A 176 -17.63 -11.05 -22.47
CA ASP A 176 -16.63 -10.36 -23.27
C ASP A 176 -15.22 -10.87 -22.96
N ALA A 177 -15.04 -11.41 -21.75
CA ALA A 177 -13.75 -11.94 -21.34
C ALA A 177 -13.90 -13.06 -20.32
N LEU A 178 -12.93 -13.97 -20.32
CA LEU A 178 -12.88 -15.04 -19.32
C LEU A 178 -11.57 -15.01 -18.55
N VAL A 179 -11.67 -15.35 -17.26
CA VAL A 179 -10.50 -15.55 -16.42
C VAL A 179 -10.68 -16.86 -15.69
N SER A 180 -9.61 -17.64 -15.59
CA SER A 180 -9.65 -18.85 -14.77
C SER A 180 -8.26 -19.18 -14.27
N ALA A 181 -8.17 -19.49 -12.97
CA ALA A 181 -6.89 -19.78 -12.34
C ALA A 181 -6.90 -21.10 -11.58
N PHE A 182 -6.04 -22.02 -12.01
CA PHE A 182 -5.86 -23.31 -11.34
C PHE A 182 -7.13 -24.15 -11.27
N CYS A 183 -7.96 -24.07 -12.30
CA CYS A 183 -9.22 -24.81 -12.33
C CYS A 183 -9.17 -26.06 -13.22
N LEU A 184 -8.96 -25.86 -14.51
CA LEU A 184 -9.01 -26.94 -15.49
C LEU A 184 -8.12 -28.13 -15.12
N GLU A 185 -6.81 -27.90 -15.06
CA GLU A 185 -5.88 -28.98 -14.77
C GLU A 185 -6.18 -29.64 -13.42
N ALA A 186 -6.80 -28.89 -12.53
CA ALA A 186 -7.08 -29.37 -11.18
C ALA A 186 -8.35 -30.21 -11.10
N VAL A 187 -9.15 -30.17 -12.15
CA VAL A 187 -10.42 -30.91 -12.17
C VAL A 187 -10.48 -31.96 -13.28
N SER A 188 -9.37 -32.12 -14.02
CA SER A 188 -9.30 -33.05 -15.14
C SER A 188 -8.32 -34.18 -14.88
N PRO A 189 -8.79 -35.43 -15.02
CA PRO A 189 -7.96 -36.62 -14.78
C PRO A 189 -6.83 -36.79 -15.79
N ASP A 190 -6.96 -36.19 -16.97
CA ASP A 190 -5.94 -36.31 -18.02
C ASP A 190 -6.04 -35.19 -19.04
N LEU A 191 -5.15 -35.22 -20.03
CA LEU A 191 -5.05 -34.15 -21.02
C LEU A 191 -6.34 -33.97 -21.82
N ALA A 192 -6.96 -35.06 -22.20
CA ALA A 192 -8.16 -35.00 -23.05
C ALA A 192 -9.37 -34.43 -22.30
N SER A 193 -9.42 -34.62 -20.99
CA SER A 193 -10.46 -34.01 -20.18
C SER A 193 -10.22 -32.50 -20.11
N PHE A 194 -8.95 -32.14 -19.90
CA PHE A 194 -8.51 -30.76 -19.88
C PHE A 194 -8.99 -30.06 -21.16
N GLN A 195 -8.82 -30.74 -22.29
CA GLN A 195 -9.18 -30.16 -23.58
C GLN A 195 -10.68 -29.91 -23.67
N ARG A 196 -11.48 -30.90 -23.27
CA ARG A 196 -12.93 -30.79 -23.31
C ARG A 196 -13.40 -29.66 -22.41
N ALA A 197 -12.90 -29.65 -21.17
CA ALA A 197 -13.22 -28.61 -20.21
C ALA A 197 -12.92 -27.24 -20.80
N LEU A 198 -11.80 -27.11 -21.49
CA LEU A 198 -11.46 -25.87 -22.18
C LEU A 198 -12.50 -25.57 -23.24
N ASP A 199 -12.81 -26.58 -24.07
CA ASP A 199 -13.82 -26.42 -25.10
C ASP A 199 -15.13 -25.92 -24.47
N HIS A 200 -15.51 -26.53 -23.36
CA HIS A 200 -16.74 -26.15 -22.67
C HIS A 200 -16.76 -24.66 -22.31
N ILE A 201 -15.82 -24.25 -21.46
CA ILE A 201 -15.80 -22.85 -21.00
C ILE A 201 -15.66 -21.88 -22.15
N THR A 202 -15.03 -22.32 -23.24
CA THR A 202 -14.84 -21.47 -24.41
C THR A 202 -16.17 -21.07 -25.04
N THR A 203 -17.18 -21.94 -24.90
CA THR A 203 -18.51 -21.66 -25.42
C THR A 203 -19.10 -20.41 -24.78
N LEU A 204 -18.62 -20.09 -23.58
CA LEU A 204 -19.11 -18.95 -22.81
C LEU A 204 -18.50 -17.64 -23.30
N LEU A 205 -17.42 -17.76 -24.05
CA LEU A 205 -16.68 -16.58 -24.52
C LEU A 205 -17.13 -16.15 -25.91
N ARG A 206 -17.49 -14.88 -26.04
CA ARG A 206 -17.83 -14.31 -27.34
C ARG A 206 -16.63 -14.30 -28.28
N PRO A 207 -16.87 -14.54 -29.57
CA PRO A 207 -15.80 -14.54 -30.58
C PRO A 207 -15.02 -13.23 -30.55
N GLY A 208 -13.69 -13.31 -30.48
CA GLY A 208 -12.87 -12.13 -30.41
C GLY A 208 -12.60 -11.74 -28.98
N GLY A 209 -13.37 -12.31 -28.07
CA GLY A 209 -13.19 -12.08 -26.64
C GLY A 209 -11.85 -12.61 -26.17
N HIS A 210 -11.58 -12.46 -24.88
CA HIS A 210 -10.28 -12.83 -24.35
C HIS A 210 -10.34 -13.82 -23.19
N LEU A 211 -9.34 -14.70 -23.13
CA LEU A 211 -9.20 -15.64 -22.03
C LEU A 211 -7.86 -15.44 -21.33
N LEU A 212 -7.92 -15.26 -20.01
CA LEU A 212 -6.71 -15.19 -19.20
C LEU A 212 -6.65 -16.43 -18.32
N LEU A 213 -5.78 -17.36 -18.71
CA LEU A 213 -5.72 -18.66 -18.06
C LEU A 213 -4.44 -18.82 -17.25
N ILE A 214 -4.61 -19.14 -15.97
CA ILE A 214 -3.49 -19.38 -15.07
C ILE A 214 -3.61 -20.80 -14.54
N GLY A 215 -2.50 -21.52 -14.47
CA GLY A 215 -2.55 -22.88 -14.00
C GLY A 215 -1.22 -23.44 -13.55
N ALA A 216 -1.26 -24.65 -13.03
CA ALA A 216 -0.06 -25.34 -12.57
C ALA A 216 0.58 -26.13 -13.70
N LEU A 217 1.90 -26.20 -13.69
CA LEU A 217 2.65 -26.97 -14.67
C LEU A 217 3.26 -28.22 -14.03
N GLU A 218 3.01 -29.36 -14.64
CA GLU A 218 3.56 -30.64 -14.19
C GLU A 218 3.23 -30.94 -12.73
N GLU A 219 1.97 -30.71 -12.38
CA GLU A 219 1.47 -31.00 -11.04
C GLU A 219 0.54 -32.21 -11.08
N SER A 220 0.62 -33.07 -10.07
CA SER A 220 -0.23 -34.26 -10.05
C SER A 220 -1.19 -34.28 -8.86
N TRP A 221 -0.86 -33.55 -7.80
CA TRP A 221 -1.70 -33.51 -6.61
C TRP A 221 -1.45 -32.24 -5.80
N TYR A 222 -2.42 -31.88 -4.98
CA TYR A 222 -2.24 -30.88 -3.94
C TYR A 222 -3.22 -31.17 -2.81
N LEU A 223 -2.91 -30.67 -1.62
CA LEU A 223 -3.74 -30.93 -0.45
C LEU A 223 -4.64 -29.72 -0.16
N ALA A 224 -5.81 -30.00 0.42
CA ALA A 224 -6.71 -28.94 0.87
C ALA A 224 -7.40 -29.39 2.15
N GLY A 225 -6.60 -29.57 3.21
CA GLY A 225 -7.10 -30.08 4.46
C GLY A 225 -7.09 -31.59 4.47
N GLU A 226 -8.24 -32.20 4.67
CA GLU A 226 -8.38 -33.65 4.64
C GLU A 226 -8.42 -34.16 3.20
N ALA A 227 -8.76 -33.27 2.27
CA ALA A 227 -8.89 -33.63 0.87
C ALA A 227 -7.52 -33.74 0.18
N ARG A 228 -7.45 -34.67 -0.76
CA ARG A 228 -6.25 -34.86 -1.56
C ARG A 228 -6.68 -34.86 -3.01
N LEU A 229 -6.43 -33.74 -3.69
CA LEU A 229 -6.90 -33.53 -5.04
C LEU A 229 -5.90 -34.05 -6.05
N THR A 230 -6.39 -34.77 -7.05
CA THR A 230 -5.55 -35.25 -8.14
C THR A 230 -5.52 -34.21 -9.25
N VAL A 231 -4.35 -34.00 -9.81
CA VAL A 231 -4.15 -32.98 -10.84
C VAL A 231 -3.53 -33.63 -12.07
N VAL A 232 -3.89 -33.14 -13.24
CA VAL A 232 -3.22 -33.60 -14.46
C VAL A 232 -1.99 -32.76 -14.76
N PRO A 233 -0.81 -33.40 -14.79
CA PRO A 233 0.44 -32.71 -15.11
C PRO A 233 0.47 -32.27 -16.56
N VAL A 234 0.57 -30.97 -16.81
CA VAL A 234 0.65 -30.45 -18.17
C VAL A 234 1.91 -29.61 -18.36
N SER A 235 2.27 -29.34 -19.61
CA SER A 235 3.44 -28.54 -19.92
C SER A 235 3.04 -27.27 -20.68
N GLU A 236 3.96 -26.35 -20.84
CA GLU A 236 3.71 -25.14 -21.62
C GLU A 236 3.23 -25.48 -23.03
N GLU A 237 3.89 -26.44 -23.66
CA GLU A 237 3.53 -26.85 -25.02
C GLU A 237 2.16 -27.50 -25.09
N GLU A 238 1.87 -28.38 -24.13
CA GLU A 238 0.53 -28.95 -24.03
C GLU A 238 -0.53 -27.86 -23.86
N VAL A 239 -0.24 -26.89 -23.00
CA VAL A 239 -1.19 -25.79 -22.75
C VAL A 239 -1.43 -24.97 -24.02
N ARG A 240 -0.36 -24.60 -24.71
CA ARG A 240 -0.49 -23.85 -25.96
C ARG A 240 -1.31 -24.59 -26.98
N GLU A 241 -0.91 -25.83 -27.26
CA GLU A 241 -1.56 -26.65 -28.27
C GLU A 241 -3.04 -26.78 -27.95
N ALA A 242 -3.35 -26.91 -26.66
CA ALA A 242 -4.74 -27.04 -26.22
C ALA A 242 -5.55 -25.78 -26.52
N LEU A 243 -4.92 -24.62 -26.32
CA LEU A 243 -5.58 -23.35 -26.60
C LEU A 243 -5.88 -23.20 -28.10
N VAL A 244 -4.89 -23.53 -28.92
CA VAL A 244 -5.05 -23.47 -30.37
C VAL A 244 -6.22 -24.33 -30.83
N ARG A 245 -6.24 -25.57 -30.33
CA ARG A 245 -7.31 -26.52 -30.67
C ARG A 245 -8.69 -25.96 -30.32
N SER A 246 -8.78 -25.26 -29.20
CA SER A 246 -10.06 -24.69 -28.77
C SER A 246 -10.47 -23.52 -29.66
N GLY A 247 -9.54 -23.07 -30.48
CA GLY A 247 -9.82 -22.02 -31.44
C GLY A 247 -9.30 -20.66 -31.00
N TYR A 248 -8.31 -20.67 -30.12
CA TYR A 248 -7.73 -19.43 -29.62
C TYR A 248 -6.49 -19.05 -30.41
N LYS A 249 -6.19 -17.75 -30.41
CA LYS A 249 -4.91 -17.26 -30.86
C LYS A 249 -4.12 -16.95 -29.59
N VAL A 250 -2.98 -17.61 -29.41
CA VAL A 250 -2.15 -17.36 -28.24
C VAL A 250 -1.40 -16.05 -28.38
N ARG A 251 -1.80 -15.05 -27.59
CA ARG A 251 -1.16 -13.74 -27.60
C ARG A 251 0.06 -13.73 -26.69
N ASP A 252 -0.03 -14.45 -25.57
CA ASP A 252 1.06 -14.48 -24.60
C ASP A 252 0.99 -15.76 -23.77
N LEU A 253 2.15 -16.33 -23.46
CA LEU A 253 2.23 -17.54 -22.64
C LEU A 253 3.54 -17.57 -21.88
N ARG A 254 3.49 -17.27 -20.58
CA ARG A 254 4.70 -17.19 -19.77
C ARG A 254 4.77 -18.32 -18.75
N THR A 255 5.97 -18.60 -18.28
CA THR A 255 6.17 -19.63 -17.27
C THR A 255 6.94 -19.13 -16.06
N TYR A 256 6.43 -19.46 -14.88
CA TYR A 256 7.11 -19.20 -13.63
C TYR A 256 7.62 -20.51 -13.08
N ILE A 257 8.91 -20.60 -12.82
CA ILE A 257 9.48 -21.82 -12.25
C ILE A 257 9.49 -21.75 -10.73
N MET A 258 8.88 -22.74 -10.09
CA MET A 258 8.67 -22.73 -8.64
C MET A 258 9.99 -22.91 -7.89
N PRO A 259 10.41 -21.87 -7.14
CA PRO A 259 11.66 -21.93 -6.38
C PRO A 259 11.55 -22.95 -5.24
N ALA A 260 12.69 -23.49 -4.81
CA ALA A 260 12.71 -24.44 -3.71
C ALA A 260 12.04 -23.89 -2.46
N HIS A 261 12.30 -22.62 -2.16
CA HIS A 261 11.77 -21.99 -0.95
C HIS A 261 10.25 -22.01 -0.91
N LEU A 262 9.61 -22.12 -2.07
CA LEU A 262 8.16 -22.16 -2.12
C LEU A 262 7.66 -23.59 -2.28
N GLN A 263 8.58 -24.54 -2.16
CA GLN A 263 8.26 -25.96 -2.23
CA GLN A 263 8.22 -25.95 -2.24
C GLN A 263 8.02 -26.57 -0.86
N THR A 264 6.75 -26.72 -0.48
CA THR A 264 6.39 -27.35 0.77
C THR A 264 5.82 -28.74 0.50
N GLY A 265 5.07 -29.26 1.45
CA GLY A 265 4.49 -30.59 1.31
C GLY A 265 3.04 -30.53 0.87
N VAL A 266 2.57 -29.35 0.51
CA VAL A 266 1.17 -29.17 0.15
C VAL A 266 0.87 -29.58 -1.29
N ASP A 267 1.91 -29.68 -2.12
CA ASP A 267 1.73 -30.10 -3.50
C ASP A 267 3.05 -30.46 -4.15
N ASP A 268 3.03 -30.68 -5.46
CA ASP A 268 4.23 -31.03 -6.19
C ASP A 268 4.33 -30.24 -7.50
N VAL A 269 3.73 -29.06 -7.51
CA VAL A 269 3.77 -28.18 -8.68
C VAL A 269 5.22 -27.86 -9.06
N LYS A 270 5.51 -27.85 -10.37
CA LYS A 270 6.85 -27.57 -10.86
C LYS A 270 6.99 -26.12 -11.30
N GLY A 271 5.88 -25.55 -11.77
CA GLY A 271 5.87 -24.19 -12.25
C GLY A 271 4.45 -23.70 -12.44
N VAL A 272 4.31 -22.45 -12.85
CA VAL A 272 2.99 -21.89 -13.11
C VAL A 272 2.99 -21.23 -14.48
N PHE A 273 1.92 -21.43 -15.23
CA PHE A 273 1.83 -20.81 -16.55
C PHE A 273 0.81 -19.68 -16.56
N PHE A 274 1.05 -18.70 -17.42
CA PHE A 274 0.06 -17.67 -17.68
C PHE A 274 -0.18 -17.55 -19.17
N ALA A 275 -1.45 -17.60 -19.57
CA ALA A 275 -1.80 -17.53 -20.98
C ALA A 275 -2.79 -16.40 -21.24
N TRP A 276 -2.50 -15.60 -22.26
CA TRP A 276 -3.44 -14.62 -22.76
C TRP A 276 -3.86 -15.03 -24.15
N ALA A 277 -5.04 -15.62 -24.25
CA ALA A 277 -5.54 -16.14 -25.51
C ALA A 277 -6.73 -15.34 -26.01
N GLN A 278 -6.78 -15.10 -27.32
CA GLN A 278 -7.89 -14.40 -27.93
C GLN A 278 -8.64 -15.34 -28.87
N LYS A 279 -9.92 -15.55 -28.55
CA LYS A 279 -10.77 -16.39 -29.37
C LYS A 279 -10.88 -15.79 -30.77
N VAL A 280 -10.41 -16.55 -31.77
CA VAL A 280 -10.57 -16.12 -33.16
C VAL A 280 -11.87 -16.70 -33.70
N GLY A 281 -12.98 -16.02 -33.41
CA GLY A 281 -14.29 -16.50 -33.79
C GLY A 281 -14.64 -16.25 -35.25
N PRO B 14 12.96 42.14 23.15
CA PRO B 14 12.47 41.95 24.51
C PRO B 14 13.00 40.66 25.13
N ASP B 15 12.29 40.15 26.13
CA ASP B 15 12.68 38.92 26.82
C ASP B 15 11.89 37.73 26.27
N SER B 16 12.60 36.65 25.96
CA SER B 16 11.99 35.47 25.37
C SER B 16 11.40 34.53 26.41
N ALA B 17 12.00 34.48 27.58
CA ALA B 17 11.63 33.54 28.63
C ALA B 17 10.11 33.36 28.87
N PRO B 18 9.37 34.46 29.08
CA PRO B 18 7.95 34.33 29.41
C PRO B 18 7.14 33.59 28.34
N GLY B 19 7.38 33.91 27.06
CA GLY B 19 6.68 33.27 25.97
C GLY B 19 6.94 31.77 25.92
N GLN B 20 8.20 31.39 26.12
CA GLN B 20 8.58 29.99 26.17
C GLN B 20 7.88 29.27 27.31
N ALA B 21 7.81 29.93 28.47
CA ALA B 21 7.21 29.34 29.66
C ALA B 21 5.75 29.02 29.42
N ALA B 22 5.05 29.92 28.73
CA ALA B 22 3.66 29.72 28.40
C ALA B 22 3.47 28.54 27.46
N VAL B 23 4.37 28.41 26.49
CA VAL B 23 4.36 27.30 25.54
C VAL B 23 4.67 25.97 26.21
N ALA B 24 5.74 25.93 27.00
CA ALA B 24 6.09 24.72 27.73
C ALA B 24 4.93 24.26 28.60
N SER B 25 4.30 25.22 29.28
CA SER B 25 3.15 24.95 30.15
C SER B 25 1.99 24.37 29.35
N ALA B 26 1.66 25.00 28.22
CA ALA B 26 0.58 24.52 27.37
C ALA B 26 0.79 23.08 26.94
N TYR B 27 2.02 22.74 26.57
CA TYR B 27 2.33 21.39 26.08
C TYR B 27 2.36 20.29 27.13
N GLN B 28 2.23 20.67 28.40
CA GLN B 28 2.18 19.66 29.46
C GLN B 28 0.83 18.94 29.46
N ARG B 29 -0.13 19.47 28.71
CA ARG B 29 -1.45 18.87 28.60
C ARG B 29 -1.67 18.17 27.25
N PHE B 30 -0.63 18.16 26.43
CA PHE B 30 -0.66 17.56 25.10
C PHE B 30 -0.93 16.05 25.18
N GLU B 31 -2.04 15.60 24.57
CA GLU B 31 -2.36 14.16 24.54
C GLU B 31 -2.01 13.51 23.20
N PRO B 32 -0.90 12.75 23.15
CA PRO B 32 -0.46 12.10 21.92
C PRO B 32 -1.58 11.34 21.21
N ARG B 33 -2.30 10.51 21.96
CA ARG B 33 -3.37 9.69 21.37
C ARG B 33 -4.42 10.53 20.66
N ALA B 34 -4.90 11.57 21.33
CA ALA B 34 -5.90 12.44 20.74
C ALA B 34 -5.33 13.17 19.51
N TYR B 35 -4.08 13.59 19.62
CA TYR B 35 -3.40 14.26 18.52
C TYR B 35 -3.36 13.34 17.30
N LEU B 36 -2.99 12.09 17.53
CA LEU B 36 -2.95 11.06 16.48
C LEU B 36 -4.32 10.82 15.83
N ARG B 37 -5.35 10.68 16.66
CA ARG B 37 -6.69 10.44 16.16
C ARG B 37 -7.15 11.59 15.28
N ASN B 38 -6.99 12.81 15.78
CA ASN B 38 -7.45 14.01 15.07
C ASN B 38 -6.78 14.22 13.71
N ASN B 39 -5.51 13.85 13.60
CA ASN B 39 -4.71 14.28 12.46
C ASN B 39 -4.20 13.16 11.55
N TYR B 40 -4.19 11.93 12.06
CA TYR B 40 -3.60 10.83 11.32
C TYR B 40 -4.50 9.59 11.25
N ALA B 41 -5.76 9.78 11.64
CA ALA B 41 -6.80 8.80 11.41
C ALA B 41 -7.87 9.46 10.56
N PRO B 42 -8.71 8.66 9.88
CA PRO B 42 -9.75 9.26 9.04
C PRO B 42 -10.64 10.20 9.85
N PRO B 43 -11.19 11.23 9.21
CA PRO B 43 -11.11 11.53 7.78
C PRO B 43 -9.84 12.25 7.30
N ARG B 44 -9.04 12.81 8.20
CA ARG B 44 -7.82 13.48 7.75
C ARG B 44 -6.74 12.44 7.49
N GLY B 45 -6.85 11.30 8.15
CA GLY B 45 -5.92 10.21 7.94
C GLY B 45 -6.36 9.32 6.79
N ASP B 46 -7.42 9.72 6.10
CA ASP B 46 -7.89 9.00 4.94
C ASP B 46 -6.97 9.27 3.76
N LEU B 47 -6.08 8.33 3.47
CA LEU B 47 -5.09 8.53 2.43
C LEU B 47 -5.61 8.19 1.03
N CYS B 48 -6.89 7.82 0.95
CA CYS B 48 -7.51 7.51 -0.35
C CYS B 48 -7.82 8.79 -1.11
N ASN B 49 -8.29 9.80 -0.38
CA ASN B 49 -8.65 11.08 -0.98
C ASN B 49 -7.45 11.82 -1.54
N PRO B 50 -7.40 12.00 -2.87
CA PRO B 50 -6.25 12.58 -3.56
C PRO B 50 -6.11 14.08 -3.29
N ASN B 51 -7.15 14.70 -2.77
CA ASN B 51 -7.11 16.12 -2.45
C ASN B 51 -6.80 16.37 -0.98
N GLY B 52 -6.54 15.29 -0.25
CA GLY B 52 -6.27 15.38 1.18
C GLY B 52 -4.87 15.83 1.49
N VAL B 53 -4.64 16.23 2.74
CA VAL B 53 -3.36 16.80 3.12
C VAL B 53 -2.29 15.73 3.36
N GLY B 54 -2.73 14.53 3.73
CA GLY B 54 -1.81 13.42 3.94
C GLY B 54 -1.05 13.07 2.68
N PRO B 55 -1.78 12.73 1.61
CA PRO B 55 -1.10 12.43 0.35
C PRO B 55 -0.22 13.59 -0.13
N TRP B 56 -0.72 14.81 -0.03
CA TRP B 56 0.05 15.97 -0.47
C TRP B 56 1.38 16.05 0.27
N LYS B 57 1.34 15.83 1.58
CA LYS B 57 2.57 15.79 2.37
C LYS B 57 3.53 14.69 1.93
N LEU B 58 3.03 13.46 1.80
CA LEU B 58 3.86 12.34 1.39
C LEU B 58 4.43 12.57 -0.01
N ARG B 59 3.61 13.16 -0.86
CA ARG B 59 4.02 13.47 -2.23
C ARG B 59 5.17 14.47 -2.22
N CYS B 60 5.09 15.49 -1.37
CA CYS B 60 6.15 16.49 -1.30
C CYS B 60 7.47 15.85 -0.90
N LEU B 61 7.41 14.99 0.12
CA LEU B 61 8.61 14.36 0.62
C LEU B 61 9.20 13.35 -0.37
N ALA B 62 8.34 12.48 -0.92
CA ALA B 62 8.80 11.47 -1.86
C ALA B 62 9.48 12.09 -3.07
N GLN B 63 8.82 13.08 -3.68
CA GLN B 63 9.35 13.75 -4.86
C GLN B 63 10.70 14.42 -4.59
N THR B 64 10.86 14.96 -3.39
CA THR B 64 12.10 15.63 -3.05
C THR B 64 13.25 14.62 -2.93
N PHE B 65 13.03 13.55 -2.16
CA PHE B 65 14.06 12.54 -2.02
C PHE B 65 14.30 11.78 -3.33
N ALA B 66 13.35 11.86 -4.24
CA ALA B 66 13.48 11.17 -5.53
C ALA B 66 14.43 11.87 -6.48
N THR B 67 14.68 13.17 -6.25
CA THR B 67 15.63 13.90 -7.08
C THR B 67 17.05 13.41 -6.82
N GLY B 68 17.22 12.65 -5.75
CA GLY B 68 18.53 12.17 -5.35
C GLY B 68 19.45 13.24 -4.81
N GLU B 69 18.95 14.46 -4.66
CA GLU B 69 19.80 15.57 -4.24
C GLU B 69 19.87 15.77 -2.73
N VAL B 70 19.11 14.96 -1.98
CA VAL B 70 19.13 15.03 -0.52
C VAL B 70 19.56 13.70 0.06
N SER B 71 20.84 13.59 0.39
CA SER B 71 21.38 12.34 0.89
C SER B 71 22.53 12.59 1.87
N GLY B 72 23.07 11.52 2.42
CA GLY B 72 24.15 11.62 3.39
C GLY B 72 24.09 10.52 4.41
N ARG B 73 24.86 10.67 5.48
CA ARG B 73 24.87 9.67 6.54
C ARG B 73 23.82 9.97 7.60
N THR B 74 23.73 11.23 8.03
CA THR B 74 22.91 11.58 9.19
C THR B 74 21.73 12.51 8.90
N LEU B 75 20.60 12.20 9.54
CA LEU B 75 19.40 13.00 9.42
C LEU B 75 18.81 13.22 10.81
N ILE B 76 18.39 14.45 11.09
CA ILE B 76 17.72 14.76 12.35
C ILE B 76 16.31 15.27 12.07
N ASP B 77 15.33 14.67 12.74
CA ASP B 77 13.94 15.10 12.63
C ASP B 77 13.59 15.97 13.84
N ILE B 78 13.27 17.23 13.57
CA ILE B 78 13.02 18.21 14.63
C ILE B 78 11.56 18.26 15.06
N GLY B 79 11.30 17.93 16.33
CA GLY B 79 9.95 17.93 16.86
C GLY B 79 9.08 16.83 16.26
N SER B 80 9.59 15.60 16.29
CA SER B 80 8.89 14.46 15.69
C SER B 80 7.49 14.27 16.24
N GLY B 81 7.30 14.58 17.51
CA GLY B 81 6.05 14.29 18.17
C GLY B 81 5.87 12.79 18.25
N PRO B 82 4.62 12.31 18.14
CA PRO B 82 4.34 10.88 18.13
C PRO B 82 4.17 10.28 16.73
N THR B 83 4.75 10.93 15.72
CA THR B 83 4.56 10.49 14.34
C THR B 83 5.86 10.09 13.63
N VAL B 84 5.73 9.30 12.58
CA VAL B 84 6.88 8.81 11.81
C VAL B 84 6.71 9.04 10.30
N TYR B 85 5.49 9.29 9.86
CA TYR B 85 5.20 9.46 8.45
C TYR B 85 6.20 10.39 7.76
N GLN B 86 6.69 11.40 8.49
CA GLN B 86 7.60 12.38 7.88
C GLN B 86 8.99 11.79 7.55
N LEU B 87 9.22 10.53 7.93
CA LEU B 87 10.50 9.89 7.67
C LEU B 87 10.40 8.70 6.70
N LEU B 88 9.20 8.44 6.19
CA LEU B 88 8.99 7.25 5.36
C LEU B 88 9.80 7.27 4.06
N SER B 89 9.71 8.35 3.30
CA SER B 89 10.47 8.48 2.06
C SER B 89 11.94 8.84 2.33
N ALA B 90 12.21 9.39 3.52
CA ALA B 90 13.55 9.84 3.85
C ALA B 90 14.48 8.71 4.24
N CYS B 91 13.93 7.68 4.89
CA CYS B 91 14.76 6.68 5.56
C CYS B 91 15.68 5.91 4.63
N SER B 92 15.26 5.69 3.38
CA SER B 92 16.09 4.96 2.43
C SER B 92 17.31 5.76 1.96
N HIS B 93 17.47 6.98 2.47
CA HIS B 93 18.56 7.86 2.03
C HIS B 93 19.54 8.25 3.14
N PHE B 94 19.26 7.78 4.37
CA PHE B 94 20.11 8.10 5.51
C PHE B 94 20.32 6.88 6.42
N GLU B 95 21.56 6.63 6.80
CA GLU B 95 21.89 5.46 7.61
C GLU B 95 21.59 5.71 9.08
N ASP B 96 21.76 6.97 9.50
CA ASP B 96 21.59 7.34 10.89
C ASP B 96 20.52 8.42 11.04
N ILE B 97 19.38 8.03 11.60
CA ILE B 97 18.28 8.98 11.84
C ILE B 97 18.10 9.27 13.33
N THR B 98 18.04 10.55 13.66
CA THR B 98 17.75 10.97 15.02
C THR B 98 16.33 11.52 15.10
N MET B 99 15.51 10.94 15.96
CA MET B 99 14.19 11.52 16.24
C MET B 99 14.25 12.33 17.53
N THR B 100 13.38 13.33 17.65
CA THR B 100 13.41 14.21 18.81
C THR B 100 12.02 14.72 19.18
N ASP B 101 11.87 15.12 20.45
CA ASP B 101 10.68 15.86 20.88
C ASP B 101 10.83 16.43 22.28
N PHE B 102 10.11 17.52 22.53
CA PHE B 102 10.12 18.18 23.83
C PHE B 102 9.49 17.33 24.92
N LEU B 103 8.46 16.57 24.55
CA LEU B 103 7.68 15.80 25.52
C LEU B 103 8.10 14.34 25.59
N GLU B 104 8.19 13.82 26.81
CA GLU B 104 8.54 12.42 27.03
C GLU B 104 7.40 11.51 26.56
N VAL B 105 6.16 11.89 26.85
CA VAL B 105 5.01 11.11 26.45
C VAL B 105 5.03 10.84 24.95
N ASN B 106 5.54 11.80 24.19
CA ASN B 106 5.72 11.62 22.77
C ASN B 106 6.85 10.66 22.46
N ARG B 107 7.98 10.85 23.13
CA ARG B 107 9.14 9.98 22.92
C ARG B 107 8.79 8.53 23.25
N GLN B 108 7.97 8.34 24.28
CA GLN B 108 7.49 7.00 24.64
C GLN B 108 6.57 6.44 23.57
N GLU B 109 5.72 7.30 23.02
CA GLU B 109 4.84 6.90 21.94
C GLU B 109 5.69 6.34 20.79
N LEU B 110 6.73 7.08 20.44
CA LEU B 110 7.67 6.63 19.42
C LEU B 110 8.31 5.31 19.82
N GLY B 111 8.73 5.22 21.07
CA GLY B 111 9.37 4.03 21.59
C GLY B 111 8.44 2.83 21.46
N ARG B 112 7.14 3.08 21.59
CA ARG B 112 6.14 2.02 21.48
C ARG B 112 6.16 1.44 20.07
N TRP B 113 6.12 2.32 19.07
CA TRP B 113 6.14 1.89 17.68
C TRP B 113 7.47 1.23 17.33
N LEU B 114 8.56 1.75 17.89
CA LEU B 114 9.88 1.18 17.65
C LEU B 114 9.99 -0.27 18.16
N GLN B 115 9.29 -0.58 19.26
CA GLN B 115 9.31 -1.92 19.82
C GLN B 115 8.28 -2.81 19.15
N GLU B 116 7.57 -2.23 18.18
CA GLU B 116 6.60 -2.99 17.40
C GLU B 116 5.53 -3.59 18.32
N GLU B 117 5.15 -2.82 19.33
CA GLU B 117 4.11 -3.23 20.25
C GLU B 117 2.75 -3.01 19.60
N PRO B 118 1.79 -3.88 19.91
CA PRO B 118 0.45 -3.82 19.32
C PRO B 118 -0.35 -2.61 19.82
N GLY B 119 0.04 -2.07 20.96
CA GLY B 119 -0.59 -0.87 21.47
C GLY B 119 -0.22 0.36 20.66
N ALA B 120 0.94 0.31 20.00
CA ALA B 120 1.45 1.43 19.23
C ALA B 120 0.46 1.90 18.17
N PHE B 121 0.58 3.16 17.76
CA PHE B 121 -0.21 3.66 16.65
C PHE B 121 0.17 2.90 15.38
N ASN B 122 -0.82 2.62 14.55
CA ASN B 122 -0.57 1.90 13.30
C ASN B 122 -0.37 2.82 12.10
N TRP B 123 0.86 2.85 11.58
CA TRP B 123 1.21 3.74 10.47
C TRP B 123 1.15 3.07 9.09
N SER B 124 0.66 1.84 9.03
CA SER B 124 0.69 1.07 7.79
C SER B 124 0.06 1.74 6.57
N MET B 125 -1.01 2.51 6.79
CA MET B 125 -1.64 3.27 5.70
C MET B 125 -0.66 4.25 5.07
N TYR B 126 0.05 5.00 5.92
CA TYR B 126 1.04 5.95 5.44
C TYR B 126 2.22 5.24 4.79
N SER B 127 2.69 4.18 5.45
CA SER B 127 3.74 3.34 4.90
C SER B 127 3.39 2.81 3.51
N GLN B 128 2.20 2.22 3.39
CA GLN B 128 1.77 1.69 2.11
C GLN B 128 1.65 2.79 1.07
N HIS B 129 1.18 3.96 1.49
CA HIS B 129 0.98 5.04 0.54
C HIS B 129 2.32 5.61 0.07
N ALA B 130 3.27 5.73 0.97
CA ALA B 130 4.62 6.13 0.60
C ALA B 130 5.17 5.15 -0.45
N CYS B 131 4.97 3.86 -0.20
CA CYS B 131 5.45 2.82 -1.10
C CYS B 131 4.77 2.97 -2.45
N LEU B 132 3.48 3.26 -2.41
CA LEU B 132 2.69 3.47 -3.62
C LEU B 132 3.28 4.59 -4.48
N ILE B 133 3.59 5.72 -3.86
CA ILE B 133 3.98 6.88 -4.65
C ILE B 133 5.49 6.95 -4.94
N GLU B 134 6.28 6.23 -4.16
CA GLU B 134 7.71 6.11 -4.45
C GLU B 134 7.92 5.29 -5.72
N GLY B 135 6.98 4.39 -6.01
CA GLY B 135 6.94 3.66 -7.25
C GLY B 135 8.06 2.68 -7.52
N LYS B 136 8.58 2.06 -6.46
CA LYS B 136 9.64 1.07 -6.61
C LYS B 136 9.11 -0.33 -6.35
N GLY B 137 7.79 -0.43 -6.17
CA GLY B 137 7.16 -1.70 -5.87
C GLY B 137 7.47 -2.24 -4.48
N GLU B 138 7.87 -1.37 -3.56
CA GLU B 138 8.27 -1.82 -2.23
C GLU B 138 7.04 -2.14 -1.37
N CYS B 139 7.17 -3.16 -0.53
CA CYS B 139 6.08 -3.54 0.37
C CYS B 139 6.20 -2.75 1.67
N TRP B 140 5.06 -2.44 2.28
CA TRP B 140 5.09 -1.51 3.40
C TRP B 140 5.84 -2.07 4.62
N GLN B 141 5.86 -3.40 4.75
CA GLN B 141 6.58 -4.03 5.85
C GLN B 141 8.10 -3.82 5.75
N ASP B 142 8.61 -3.75 4.53
CA ASP B 142 10.05 -3.57 4.34
C ASP B 142 10.40 -2.12 4.59
N LYS B 143 9.50 -1.22 4.20
CA LYS B 143 9.75 0.20 4.44
C LYS B 143 9.79 0.49 5.94
N GLU B 144 8.80 -0.03 6.67
CA GLU B 144 8.77 0.16 8.11
C GLU B 144 9.96 -0.50 8.79
N ARG B 145 10.43 -1.61 8.23
CA ARG B 145 11.55 -2.34 8.80
C ARG B 145 12.83 -1.53 8.65
N GLN B 146 12.95 -0.87 7.51
CA GLN B 146 14.10 -0.02 7.24
C GLN B 146 14.09 1.20 8.15
N LEU B 147 12.92 1.77 8.37
CA LEU B 147 12.80 2.93 9.26
C LEU B 147 13.22 2.58 10.68
N ARG B 148 12.71 1.48 11.21
CA ARG B 148 13.08 1.05 12.56
C ARG B 148 14.59 0.77 12.70
N ALA B 149 15.22 0.35 11.61
CA ALA B 149 16.65 0.04 11.65
C ALA B 149 17.53 1.29 11.63
N ARG B 150 17.06 2.34 10.95
CA ARG B 150 17.87 3.56 10.82
C ARG B 150 17.64 4.54 11.96
N VAL B 151 16.54 4.42 12.69
CA VAL B 151 16.31 5.26 13.87
C VAL B 151 17.27 4.85 14.98
N LYS B 152 18.30 5.66 15.19
CA LYS B 152 19.37 5.30 16.12
C LYS B 152 19.12 5.82 17.53
N ARG B 153 18.31 6.87 17.66
CA ARG B 153 18.07 7.48 18.95
C ARG B 153 16.87 8.42 18.94
N VAL B 154 16.24 8.56 20.10
CA VAL B 154 15.13 9.49 20.27
C VAL B 154 15.49 10.46 21.40
N LEU B 155 15.82 11.69 21.04
CA LEU B 155 16.37 12.66 21.99
C LEU B 155 15.38 13.75 22.38
N PRO B 156 15.48 14.22 23.63
CA PRO B 156 14.79 15.43 24.07
C PRO B 156 15.28 16.62 23.26
N ILE B 157 14.39 17.55 22.94
CA ILE B 157 14.78 18.75 22.21
C ILE B 157 13.96 19.97 22.63
N ASP B 158 14.59 21.14 22.55
CA ASP B 158 13.92 22.41 22.76
C ASP B 158 14.47 23.39 21.73
N VAL B 159 13.67 23.69 20.71
CA VAL B 159 14.14 24.54 19.62
C VAL B 159 14.39 25.99 20.05
N HIS B 160 13.97 26.33 21.26
CA HIS B 160 14.15 27.69 21.76
C HIS B 160 15.54 27.90 22.39
N GLN B 161 16.21 26.82 22.75
CA GLN B 161 17.58 26.89 23.24
C GLN B 161 18.56 27.09 22.10
N PRO B 162 19.65 27.83 22.35
CA PRO B 162 20.67 28.08 21.33
C PRO B 162 21.23 26.76 20.81
N GLN B 163 21.32 25.78 21.71
CA GLN B 163 21.66 24.42 21.34
C GLN B 163 20.45 23.55 21.65
N PRO B 164 19.58 23.37 20.65
CA PRO B 164 18.32 22.64 20.84
C PRO B 164 18.48 21.27 21.48
N LEU B 165 19.61 20.61 21.26
CA LEU B 165 19.82 19.28 21.81
C LEU B 165 20.59 19.28 23.13
N GLY B 166 21.03 20.47 23.55
CA GLY B 166 21.87 20.60 24.72
C GLY B 166 23.31 20.25 24.40
N ALA B 167 24.25 20.93 25.05
CA ALA B 167 25.67 20.69 24.80
C ALA B 167 26.04 19.24 25.10
N GLY B 168 27.13 18.77 24.48
CA GLY B 168 27.59 17.41 24.67
C GLY B 168 26.59 16.38 24.17
N SER B 169 25.77 16.78 23.21
CA SER B 169 24.73 15.90 22.67
C SER B 169 25.30 14.67 21.99
N PRO B 170 24.58 13.55 22.09
CA PRO B 170 24.94 12.27 21.46
C PRO B 170 24.76 12.32 19.94
N ALA B 171 23.76 13.08 19.50
CA ALA B 171 23.45 13.19 18.08
C ALA B 171 24.70 13.52 17.26
N PRO B 172 24.89 12.81 16.14
CA PRO B 172 26.01 13.05 15.23
C PRO B 172 25.86 14.42 14.56
N LEU B 173 26.58 15.42 15.07
CA LEU B 173 26.54 16.76 14.50
C LEU B 173 27.85 17.09 13.80
N PRO B 174 27.78 17.90 12.74
CA PRO B 174 26.54 18.44 12.19
C PRO B 174 25.84 17.39 11.33
N ALA B 175 24.51 17.40 11.32
CA ALA B 175 23.76 16.47 10.49
C ALA B 175 23.79 16.87 9.02
N ASP B 176 23.60 15.89 8.14
CA ASP B 176 23.60 16.14 6.70
C ASP B 176 22.27 16.71 6.22
N ALA B 177 21.22 16.49 7.01
CA ALA B 177 19.90 17.02 6.66
C ALA B 177 18.98 17.12 7.86
N LEU B 178 17.98 17.99 7.75
CA LEU B 178 16.96 18.11 8.77
C LEU B 178 15.59 17.97 8.14
N VAL B 179 14.70 17.29 8.86
CA VAL B 179 13.28 17.27 8.54
C VAL B 179 12.56 17.84 9.75
N SER B 180 11.47 18.56 9.52
CA SER B 180 10.62 19.03 10.60
C SER B 180 9.22 19.34 10.11
N ALA B 181 8.23 18.81 10.81
CA ALA B 181 6.84 19.00 10.40
C ALA B 181 5.97 19.52 11.54
N PHE B 182 5.38 20.70 11.33
CA PHE B 182 4.44 21.31 12.27
C PHE B 182 5.02 21.54 13.67
N CYS B 183 6.28 21.94 13.73
CA CYS B 183 6.94 22.14 15.02
C CYS B 183 7.21 23.62 15.35
N LEU B 184 8.02 24.28 14.54
CA LEU B 184 8.45 25.65 14.82
C LEU B 184 7.29 26.60 15.08
N GLU B 185 6.33 26.63 14.16
CA GLU B 185 5.22 27.58 14.28
C GLU B 185 4.29 27.19 15.43
N ALA B 186 4.29 25.92 15.78
CA ALA B 186 3.37 25.40 16.79
C ALA B 186 3.92 25.52 18.22
N VAL B 187 5.15 26.01 18.34
CA VAL B 187 5.76 26.18 19.65
C VAL B 187 6.36 27.58 19.81
N SER B 188 6.07 28.45 18.84
CA SER B 188 6.57 29.81 18.86
C SER B 188 5.44 30.82 19.01
N PRO B 189 5.55 31.69 20.02
CA PRO B 189 4.55 32.72 20.33
C PRO B 189 4.35 33.70 19.18
N ASP B 190 5.41 34.00 18.45
CA ASP B 190 5.36 35.00 17.39
C ASP B 190 6.45 34.80 16.34
N LEU B 191 6.40 35.59 15.28
CA LEU B 191 7.32 35.43 14.16
C LEU B 191 8.78 35.49 14.58
N ALA B 192 9.12 36.39 15.51
CA ALA B 192 10.49 36.56 15.95
C ALA B 192 11.02 35.28 16.61
N SER B 193 10.17 34.65 17.40
CA SER B 193 10.50 33.40 18.07
C SER B 193 10.70 32.29 17.04
N PHE B 194 9.76 32.21 16.10
CA PHE B 194 9.85 31.29 14.97
C PHE B 194 11.20 31.44 14.29
N GLN B 195 11.58 32.69 14.04
CA GLN B 195 12.83 33.00 13.35
C GLN B 195 14.02 32.51 14.15
N ARG B 196 14.01 32.76 15.46
CA ARG B 196 15.08 32.31 16.35
C ARG B 196 15.13 30.78 16.43
N ALA B 197 13.98 30.15 16.57
CA ALA B 197 13.92 28.68 16.56
C ALA B 197 14.55 28.15 15.28
N LEU B 198 14.24 28.79 14.16
CA LEU B 198 14.82 28.38 12.90
C LEU B 198 16.34 28.49 12.93
N ASP B 199 16.84 29.60 13.47
CA ASP B 199 18.30 29.80 13.59
C ASP B 199 18.92 28.73 14.47
N HIS B 200 18.27 28.44 15.60
CA HIS B 200 18.78 27.43 16.53
C HIS B 200 18.96 26.04 15.91
N ILE B 201 17.93 25.53 15.25
CA ILE B 201 18.04 24.20 14.65
C ILE B 201 19.00 24.21 13.47
N THR B 202 19.14 25.35 12.83
CA THR B 202 20.04 25.48 11.69
C THR B 202 21.49 25.23 12.09
N THR B 203 21.81 25.42 13.37
CA THR B 203 23.16 25.15 13.87
C THR B 203 23.50 23.67 13.80
N LEU B 204 22.48 22.81 13.78
CA LEU B 204 22.69 21.37 13.74
C LEU B 204 22.97 20.88 12.31
N LEU B 205 22.74 21.75 11.33
CA LEU B 205 22.86 21.38 9.92
C LEU B 205 24.20 21.81 9.33
N ARG B 206 24.90 20.88 8.69
CA ARG B 206 26.17 21.20 8.05
C ARG B 206 25.93 22.14 6.89
N PRO B 207 26.92 23.00 6.59
CA PRO B 207 26.82 23.92 5.45
C PRO B 207 26.65 23.12 4.17
N GLY B 208 25.77 23.56 3.29
CA GLY B 208 25.45 22.81 2.10
C GLY B 208 24.48 21.68 2.37
N GLY B 209 24.01 21.59 3.61
CA GLY B 209 23.02 20.59 3.99
C GLY B 209 21.61 21.00 3.62
N HIS B 210 20.66 20.07 3.77
CA HIS B 210 19.29 20.31 3.35
C HIS B 210 18.29 20.28 4.50
N LEU B 211 17.28 21.14 4.41
CA LEU B 211 16.17 21.15 5.36
C LEU B 211 14.83 20.94 4.65
N LEU B 212 14.08 19.95 5.11
CA LEU B 212 12.73 19.73 4.62
C LEU B 212 11.75 20.15 5.72
N LEU B 213 11.08 21.27 5.50
CA LEU B 213 10.22 21.87 6.51
C LEU B 213 8.76 21.85 6.08
N ILE B 214 7.92 21.22 6.89
CA ILE B 214 6.47 21.21 6.68
C ILE B 214 5.81 21.96 7.82
N GLY B 215 4.85 22.83 7.51
CA GLY B 215 4.18 23.60 8.54
C GLY B 215 2.81 24.13 8.16
N ALA B 216 2.11 24.70 9.13
CA ALA B 216 0.77 25.23 8.92
C ALA B 216 0.84 26.71 8.53
N LEU B 217 -0.01 27.10 7.58
CA LEU B 217 -0.10 28.49 7.16
C LEU B 217 -1.30 29.15 7.82
N GLU B 218 -1.07 30.30 8.42
CA GLU B 218 -2.14 31.11 8.99
C GLU B 218 -2.98 30.33 10.00
N GLU B 219 -2.30 29.61 10.89
CA GLU B 219 -2.97 28.88 11.97
C GLU B 219 -2.71 29.57 13.31
N SER B 220 -3.67 29.51 14.23
CA SER B 220 -3.46 30.07 15.56
C SER B 220 -3.64 29.07 16.70
N TRP B 221 -4.33 27.96 16.42
CA TRP B 221 -4.54 26.95 17.46
C TRP B 221 -4.84 25.56 16.91
N TYR B 222 -4.69 24.56 17.77
CA TYR B 222 -5.15 23.21 17.50
C TYR B 222 -5.35 22.47 18.83
N LEU B 223 -6.22 21.48 18.83
CA LEU B 223 -6.49 20.72 20.04
C LEU B 223 -5.75 19.39 20.03
N ALA B 224 -5.15 19.05 21.15
CA ALA B 224 -4.53 17.75 21.34
C ALA B 224 -5.14 17.15 22.59
N GLY B 225 -6.42 16.81 22.50
CA GLY B 225 -7.17 16.31 23.64
C GLY B 225 -7.82 17.46 24.40
N GLU B 226 -7.52 17.55 25.68
CA GLU B 226 -8.05 18.63 26.50
C GLU B 226 -7.26 19.90 26.22
N ALA B 227 -6.00 19.72 25.88
CA ALA B 227 -5.08 20.82 25.64
C ALA B 227 -5.34 21.59 24.34
N ARG B 228 -5.52 22.89 24.47
CA ARG B 228 -5.57 23.78 23.31
C ARG B 228 -4.19 24.42 23.18
N LEU B 229 -3.62 24.36 21.98
CA LEU B 229 -2.26 24.83 21.78
C LEU B 229 -2.22 26.01 20.83
N THR B 230 -1.36 26.97 21.14
CA THR B 230 -1.27 28.22 20.40
C THR B 230 -0.21 28.14 19.32
N VAL B 231 -0.56 28.62 18.13
CA VAL B 231 0.33 28.60 16.98
C VAL B 231 0.47 30.01 16.44
N VAL B 232 1.68 30.37 16.01
CA VAL B 232 1.89 31.66 15.36
C VAL B 232 1.44 31.56 13.91
N PRO B 233 0.47 32.39 13.52
CA PRO B 233 -0.01 32.38 12.13
C PRO B 233 1.04 32.98 11.19
N VAL B 234 1.56 32.15 10.29
CA VAL B 234 2.57 32.59 9.32
C VAL B 234 2.08 32.41 7.89
N SER B 235 2.69 33.17 6.97
CA SER B 235 2.33 33.12 5.56
C SER B 235 3.49 32.54 4.76
N GLU B 236 3.23 32.20 3.51
CA GLU B 236 4.29 31.66 2.67
C GLU B 236 5.44 32.65 2.60
N GLU B 237 5.13 33.91 2.30
CA GLU B 237 6.14 34.96 2.22
C GLU B 237 6.98 35.06 3.50
N GLU B 238 6.31 35.04 4.65
CA GLU B 238 7.01 35.05 5.94
C GLU B 238 7.92 33.85 6.13
N VAL B 239 7.43 32.66 5.76
CA VAL B 239 8.26 31.46 5.82
C VAL B 239 9.47 31.59 4.90
N ARG B 240 9.23 32.07 3.68
CA ARG B 240 10.31 32.21 2.72
C ARG B 240 11.39 33.12 3.28
N GLU B 241 10.96 34.27 3.78
CA GLU B 241 11.87 35.27 4.31
C GLU B 241 12.67 34.73 5.49
N ALA B 242 12.01 34.01 6.39
CA ALA B 242 12.68 33.38 7.51
C ALA B 242 13.82 32.46 7.05
N LEU B 243 13.53 31.64 6.04
CA LEU B 243 14.53 30.72 5.51
C LEU B 243 15.74 31.48 4.95
N VAL B 244 15.48 32.48 4.12
CA VAL B 244 16.54 33.32 3.58
C VAL B 244 17.34 33.93 4.72
N ARG B 245 16.61 34.47 5.70
CA ARG B 245 17.20 35.09 6.88
C ARG B 245 18.18 34.17 7.61
N SER B 246 17.83 32.89 7.71
CA SER B 246 18.65 31.95 8.48
C SER B 246 19.83 31.40 7.68
N GLY B 247 19.95 31.83 6.43
CA GLY B 247 21.07 31.43 5.61
C GLY B 247 20.80 30.23 4.72
N TYR B 248 19.56 30.10 4.27
CA TYR B 248 19.18 29.05 3.33
C TYR B 248 18.94 29.62 1.94
N LYS B 249 19.10 28.79 0.93
CA LYS B 249 18.57 29.08 -0.39
C LYS B 249 17.33 28.23 -0.54
N VAL B 250 16.23 28.83 -0.96
CA VAL B 250 14.98 28.10 -1.08
C VAL B 250 14.89 27.42 -2.45
N ARG B 251 14.95 26.09 -2.43
CA ARG B 251 14.89 25.32 -3.66
C ARG B 251 13.45 25.12 -4.13
N ASP B 252 12.54 25.03 -3.16
CA ASP B 252 11.14 24.72 -3.45
C ASP B 252 10.30 25.13 -2.26
N LEU B 253 9.12 25.69 -2.53
CA LEU B 253 8.18 26.08 -1.48
C LEU B 253 6.76 26.01 -2.03
N ARG B 254 6.02 25.01 -1.59
CA ARG B 254 4.68 24.76 -2.13
C ARG B 254 3.63 25.01 -1.07
N THR B 255 2.42 25.34 -1.50
CA THR B 255 1.32 25.53 -0.58
C THR B 255 0.13 24.62 -0.89
N TYR B 256 -0.42 24.04 0.17
CA TYR B 256 -1.67 23.29 0.09
C TYR B 256 -2.75 24.12 0.76
N ILE B 257 -3.83 24.40 0.03
CA ILE B 257 -4.93 25.15 0.61
C ILE B 257 -5.94 24.20 1.25
N MET B 258 -6.11 24.34 2.56
CA MET B 258 -7.00 23.47 3.31
C MET B 258 -8.46 23.65 2.90
N PRO B 259 -9.04 22.65 2.23
CA PRO B 259 -10.44 22.72 1.78
C PRO B 259 -11.38 22.71 2.98
N ALA B 260 -12.53 23.37 2.85
CA ALA B 260 -13.44 23.57 3.96
C ALA B 260 -14.08 22.26 4.42
N HIS B 261 -14.29 21.36 3.48
CA HIS B 261 -14.94 20.08 3.79
C HIS B 261 -13.98 19.15 4.54
N LEU B 262 -12.76 19.61 4.73
CA LEU B 262 -11.77 18.86 5.52
C LEU B 262 -11.48 19.65 6.80
N GLN B 263 -12.39 20.57 7.13
CA GLN B 263 -12.23 21.42 8.29
C GLN B 263 -12.93 20.83 9.52
N THR B 264 -12.16 20.14 10.35
CA THR B 264 -12.65 19.69 11.64
C THR B 264 -12.75 20.89 12.56
N GLY B 265 -13.17 20.66 13.81
CA GLY B 265 -13.21 21.72 14.79
C GLY B 265 -12.00 21.65 15.71
N VAL B 266 -10.93 21.01 15.24
CA VAL B 266 -9.74 20.80 16.06
C VAL B 266 -8.56 21.71 15.70
N ASP B 267 -8.77 22.59 14.72
CA ASP B 267 -7.77 23.60 14.38
C ASP B 267 -8.34 24.66 13.43
N ASP B 268 -7.62 25.77 13.28
CA ASP B 268 -8.02 26.81 12.33
C ASP B 268 -7.00 26.95 11.20
N VAL B 269 -6.35 25.84 10.87
CA VAL B 269 -5.35 25.81 9.79
C VAL B 269 -5.98 26.22 8.47
N LYS B 270 -5.36 27.18 7.78
CA LYS B 270 -5.87 27.62 6.49
C LYS B 270 -5.15 26.95 5.33
N GLY B 271 -3.96 26.42 5.60
CA GLY B 271 -3.19 25.75 4.59
C GLY B 271 -1.93 25.11 5.15
N VAL B 272 -1.17 24.45 4.28
CA VAL B 272 0.07 23.82 4.69
C VAL B 272 1.17 24.24 3.73
N PHE B 273 2.39 24.40 4.24
CA PHE B 273 3.51 24.72 3.37
C PHE B 273 4.55 23.61 3.42
N PHE B 274 5.23 23.40 2.30
CA PHE B 274 6.38 22.52 2.24
C PHE B 274 7.55 23.29 1.66
N ALA B 275 8.63 23.37 2.43
CA ALA B 275 9.81 24.08 1.99
C ALA B 275 11.00 23.13 1.91
N TRP B 276 11.69 23.18 0.79
CA TRP B 276 12.97 22.50 0.64
C TRP B 276 14.04 23.58 0.57
N ALA B 277 14.86 23.66 1.60
CA ALA B 277 15.85 24.71 1.71
C ALA B 277 17.23 24.12 1.94
N GLN B 278 18.22 24.67 1.26
CA GLN B 278 19.59 24.21 1.37
C GLN B 278 20.45 25.26 2.05
N LYS B 279 21.19 24.84 3.07
CA LYS B 279 22.08 25.74 3.80
C LYS B 279 23.25 26.17 2.93
N VAL B 280 23.65 27.43 3.07
CA VAL B 280 24.77 27.96 2.29
C VAL B 280 26.10 27.66 3.01
N GLY B 281 27.06 27.16 2.25
CA GLY B 281 28.30 26.65 2.83
C GLY B 281 29.54 27.51 2.59
C1 LT3 C . -3.37 -24.52 -6.35
N1 LT3 C . -3.19 -26.56 -7.83
C3 LT3 C . -1.53 -25.91 -5.84
C5 LT3 C . -0.35 -22.47 -6.75
C6 LT3 C . -0.70 -21.17 -6.40
C9 LT3 C . -2.62 -23.18 -6.31
C2 LT3 C . -2.82 -25.36 -5.21
C4 LT3 C . -1.33 -24.97 -7.00
C12 LT3 C . -2.78 -25.17 -7.56
C10 LT3 C . -1.31 -23.48 -6.69
C7 LT3 C . -1.99 -20.88 -6.01
C8 LT3 C . -2.96 -21.88 -5.94
C11 LT3 C . 1.08 -22.79 -7.20
F1 LT3 C . 1.53 -23.82 -6.49
F3 LT3 C . 1.87 -21.74 -7.00
F2 LT3 C . 1.06 -23.10 -8.49
N SAH D . -9.18 -19.95 -8.68
CA SAH D . -8.65 -20.12 -7.36
CB SAH D . -8.97 -21.51 -6.78
CG SAH D . -8.56 -22.68 -7.68
SD SAH D . -8.74 -24.30 -6.86
C SAH D . -7.15 -19.83 -7.33
O SAH D . -6.56 -20.14 -6.33
OXT SAH D . -6.66 -18.96 -8.31
C5' SAH D . -9.80 -25.22 -8.01
C4' SAH D . -11.31 -25.01 -7.87
O4' SAH D . -11.96 -25.76 -8.83
C3' SAH D . -11.87 -25.50 -6.54
O3' SAH D . -12.44 -24.42 -5.85
C2' SAH D . -12.80 -26.45 -6.91
O2' SAH D . -13.93 -26.50 -6.06
C1' SAH D . -13.16 -26.13 -8.25
N9 SAH D . -13.80 -27.20 -9.00
C8 SAH D . -13.79 -28.50 -8.71
N7 SAH D . -14.50 -29.17 -9.68
C5 SAH D . -14.95 -28.25 -10.59
C6 SAH D . -15.69 -28.37 -11.73
N6 SAH D . -16.15 -29.67 -12.18
N1 SAH D . -15.99 -27.29 -12.45
C2 SAH D . -15.56 -26.08 -12.05
N3 SAH D . -14.82 -25.96 -10.91
C4 SAH D . -14.52 -27.05 -10.19
C1 LT3 E . -0.99 19.68 13.68
N1 LT3 E . -0.49 22.12 13.94
C3 LT3 E . -3.06 20.76 13.24
C5 LT3 E . -2.09 19.33 10.23
C6 LT3 E . -1.78 18.03 9.84
C9 LT3 E . -1.20 18.89 12.41
C2 LT3 E . -2.17 20.28 14.38
C4 LT3 E . -2.03 21.15 12.19
C12 LT3 E . -0.71 21.02 12.98
C10 LT3 E . -1.77 19.79 11.51
C7 LT3 E . -1.18 17.17 10.74
C8 LT3 E . -0.88 17.60 12.02
C11 LT3 E . -2.76 20.27 9.22
F1 LT3 E . -3.95 20.65 9.68
F3 LT3 E . -2.91 19.63 8.07
F2 LT3 E . -1.99 21.34 9.03
N SAH F . 6.06 16.31 13.88
CA SAH F . 4.75 15.78 14.18
CB SAH F . 4.16 16.37 15.47
CG SAH F . 4.21 17.90 15.53
SD SAH F . 3.19 18.61 16.87
C SAH F . 3.80 15.95 13.00
O SAH F . 4.28 15.97 11.92
OXT SAH F . 2.46 15.69 13.27
C5' SAH F . 4.34 19.74 17.71
C4' SAH F . 5.42 19.09 18.57
O4' SAH F . 6.31 20.06 19.02
C3' SAH F . 4.88 18.44 19.84
O3' SAH F . 5.15 17.06 19.79
C2' SAH F . 5.54 19.10 20.87
O2' SAH F . 5.86 18.26 21.95
C1' SAH F . 6.70 19.66 20.28
N9 SAH F . 7.35 20.75 21.02
C8 SAH F . 6.79 21.54 21.93
N7 SAH F . 7.72 22.46 22.38
C5 SAH F . 8.90 22.23 21.70
C6 SAH F . 10.11 22.83 21.75
N6 SAH F . 10.33 23.95 22.67
N1 SAH F . 11.10 22.41 20.98
C2 SAH F . 10.91 21.37 20.14
N3 SAH F . 9.69 20.76 20.09
C4 SAH F . 8.68 21.19 20.87
#